data_2LUN
#
_entry.id   2LUN
#
_entity_poly.entity_id   1
_entity_poly.type   'polyribonucleotide'
_entity_poly.pdbx_seq_one_letter_code
;GGGCAGUGAUGCUUCGGCAUAUCAGCCC
;
_entity_poly.pdbx_strand_id   A
#